data_4H5V
#
_entry.id   4H5V
#
_cell.length_a   76.741
_cell.length_b   102.175
_cell.length_c   54.524
_cell.angle_alpha   90.00
_cell.angle_beta   90.00
_cell.angle_gamma   90.00
#
_symmetry.space_group_name_H-M   'P 21 21 2'
#
loop_
_entity.id
_entity.type
_entity.pdbx_description
1 polymer 'Heat shock cognate 71 kDa protein'
2 non-polymer 'SULFATE ION'
3 non-polymer 'MAGNESIUM ION'
4 non-polymer 'CHLORIDE ION'
5 non-polymer GLYCEROL
6 non-polymer 'ACETATE ION'
7 water water
#
_entity_poly.entity_id   1
_entity_poly.type   'polypeptide(L)'
_entity_poly.pdbx_seq_one_letter_code
;SKGPAVGIDLGTTYSCVGVFQHGKVEIIANDQGNRTTPSYVAFTDTERLIGDAAKNQVAMNPTNTVFDAKRLIGRRFDDA
VVQSDMKHWPFMVVNDAGRPKVQVEYKGETKSFYPEEVSSMVLTKMKEIAEAYLGKTVTNAVVTVPAYFNDSQRQATKDA
GTIAGLNVLRIINEPTAAAIAYGLDKKVGAERNVLIFDLGGGTFDVSILTIEDGIFEVKSTAGDTHLGGEDFDNRMVNHF
IAEFKRKHKKDISENKRAVRRLRTACERAKRTLSSSTQASIEIDSLYEGIDFYTSITRARFEELNADLFRGTLDPVEKAL
RDAKLDKSQIHDIVLVGGSTRIPKIQKLLQDFFNGKELNKSINPDEAVAYGAAVQAAILSGDK
;
_entity_poly.pdbx_strand_id   A
#
loop_
_chem_comp.id
_chem_comp.type
_chem_comp.name
_chem_comp.formula
ACT non-polymer 'ACETATE ION' 'C2 H3 O2 -1'
CL non-polymer 'CHLORIDE ION' 'Cl -1'
GOL non-polymer GLYCEROL 'C3 H8 O3'
MG non-polymer 'MAGNESIUM ION' 'Mg 2'
SO4 non-polymer 'SULFATE ION' 'O4 S -2'
#
# COMPACT_ATOMS: atom_id res chain seq x y z
N LYS A 2 -16.98 1.72 -26.52
CA LYS A 2 -16.27 0.71 -25.68
C LYS A 2 -14.98 1.33 -25.14
N GLY A 3 -15.03 1.75 -23.87
CA GLY A 3 -13.86 2.23 -23.11
C GLY A 3 -13.28 1.02 -22.38
N PRO A 4 -11.94 0.95 -22.25
CA PRO A 4 -11.44 -0.29 -21.61
C PRO A 4 -11.70 -0.30 -20.11
N ALA A 5 -11.72 -1.48 -19.51
CA ALA A 5 -11.87 -1.62 -18.04
C ALA A 5 -10.44 -1.60 -17.47
N VAL A 6 -10.32 -1.06 -16.26
CA VAL A 6 -9.05 -0.91 -15.57
C VAL A 6 -9.08 -1.75 -14.30
N GLY A 7 -7.89 -2.04 -13.76
CA GLY A 7 -7.73 -2.70 -12.44
C GLY A 7 -7.17 -1.65 -11.48
N ILE A 8 -7.79 -1.54 -10.31
CA ILE A 8 -7.38 -0.52 -9.35
C ILE A 8 -7.06 -1.22 -8.06
N ASP A 9 -5.81 -1.07 -7.62
CA ASP A 9 -5.39 -1.45 -6.28
C ASP A 9 -5.60 -0.22 -5.36
N LEU A 10 -6.64 -0.26 -4.53
CA LEU A 10 -6.96 0.85 -3.62
C LEU A 10 -6.26 0.51 -2.32
N GLY A 11 -5.04 1.02 -2.15
CA GLY A 11 -4.16 0.53 -1.04
C GLY A 11 -4.29 1.32 0.19
N THR A 12 -3.87 0.77 1.33
CA THR A 12 -3.88 1.55 2.57
C THR A 12 -3.05 2.85 2.48
N THR A 13 -1.81 2.71 1.99
CA THR A 13 -0.92 3.88 1.88
C THR A 13 -0.81 4.43 0.44
N TYR A 14 -0.82 3.57 -0.54
CA TYR A 14 -0.73 3.92 -1.97
C TYR A 14 -1.75 3.20 -2.82
N SER A 15 -2.14 3.81 -3.94
CA SER A 15 -3.02 3.15 -4.89
C SER A 15 -2.34 3.09 -6.24
N CYS A 16 -2.82 2.20 -7.09
CA CYS A 16 -2.12 1.95 -8.35
C CYS A 16 -3.18 1.48 -9.34
N VAL A 17 -3.12 1.94 -10.58
CA VAL A 17 -4.11 1.56 -11.64
C VAL A 17 -3.41 1.04 -12.87
N GLY A 18 -3.92 -0.07 -13.41
CA GLY A 18 -3.38 -0.67 -14.62
C GLY A 18 -4.45 -0.95 -15.66
N VAL A 19 -4.01 -1.10 -16.90
CA VAL A 19 -4.93 -1.40 -17.98
C VAL A 19 -4.29 -2.41 -18.89
N PHE A 20 -5.05 -3.45 -19.24
CA PHE A 20 -4.56 -4.42 -20.23
C PHE A 20 -4.83 -3.87 -21.61
N GLN A 21 -3.78 -3.75 -22.43
CA GLN A 21 -4.01 -3.43 -23.82
C GLN A 21 -2.83 -3.83 -24.69
N HIS A 22 -3.12 -4.14 -25.94
CA HIS A 22 -2.08 -4.54 -26.87
C HIS A 22 -1.27 -5.65 -26.26
N GLY A 23 -1.99 -6.61 -25.69
CA GLY A 23 -1.40 -7.83 -25.18
C GLY A 23 -0.61 -7.81 -23.89
N LYS A 24 -0.53 -6.67 -23.17
CA LYS A 24 0.17 -6.63 -21.85
C LYS A 24 -0.49 -5.59 -20.90
N VAL A 25 -0.11 -5.65 -19.63
CA VAL A 25 -0.68 -4.67 -18.67
C VAL A 25 0.27 -3.49 -18.69
N GLU A 26 -0.29 -2.28 -18.83
CA GLU A 26 0.40 -1.02 -18.59
C GLU A 26 -0.02 -0.48 -17.25
N ILE A 27 0.94 -0.23 -16.39
CA ILE A 27 0.66 0.42 -15.10
C ILE A 27 0.74 1.94 -15.41
N ILE A 28 -0.31 2.65 -15.05
CA ILE A 28 -0.42 4.03 -15.55
C ILE A 28 0.17 5.05 -14.62
N ALA A 29 1.08 5.90 -15.15
CA ALA A 29 1.71 6.93 -14.30
C ALA A 29 0.73 8.07 -14.14
N ASN A 30 0.79 8.70 -12.96
CA ASN A 30 -0.20 9.70 -12.64
C ASN A 30 0.22 11.10 -13.14
N ASP A 31 -0.48 12.14 -12.69
CA ASP A 31 -0.25 13.55 -13.18
C ASP A 31 1.11 14.15 -12.75
N GLN A 32 1.76 13.46 -11.82
CA GLN A 32 3.11 13.78 -11.31
C GLN A 32 4.11 12.78 -11.90
N GLY A 33 3.65 11.85 -12.77
CA GLY A 33 4.57 10.96 -13.44
C GLY A 33 4.87 9.74 -12.59
N ASN A 34 4.09 9.52 -11.52
CA ASN A 34 4.40 8.41 -10.60
C ASN A 34 3.48 7.26 -10.83
N ARG A 35 4.05 6.04 -10.84
CA ARG A 35 3.21 4.86 -11.12
C ARG A 35 2.36 4.38 -9.91
N THR A 36 2.60 4.96 -8.75
CA THR A 36 1.67 4.77 -7.58
C THR A 36 1.32 6.15 -7.01
N THR A 37 0.19 6.24 -6.34
CA THR A 37 -0.32 7.59 -5.84
C THR A 37 -0.67 7.38 -4.39
N PRO A 38 -0.26 8.31 -3.47
CA PRO A 38 -0.53 8.17 -2.04
C PRO A 38 -2.06 8.22 -1.86
N SER A 39 -2.57 7.35 -0.99
CA SER A 39 -4.01 7.32 -0.71
C SER A 39 -4.31 8.39 0.30
N TYR A 40 -4.11 9.65 -0.10
CA TYR A 40 -4.17 10.78 0.82
C TYR A 40 -5.13 11.77 0.23
N VAL A 41 -5.82 12.55 1.07
CA VAL A 41 -6.65 13.67 0.54
C VAL A 41 -6.41 14.81 1.52
N ALA A 42 -6.42 16.03 1.05
CA ALA A 42 -6.24 17.11 2.02
C ALA A 42 -7.14 18.28 1.64
N PHE A 43 -7.43 19.19 2.60
CA PHE A 43 -8.41 20.26 2.32
C PHE A 43 -7.75 21.51 2.84
N THR A 44 -7.82 22.54 2.00
CA THR A 44 -7.22 23.84 2.34
C THR A 44 -8.31 24.94 2.31
N ASP A 45 -7.87 26.18 2.52
CA ASP A 45 -8.79 27.31 2.34
C ASP A 45 -9.36 27.43 0.97
N THR A 46 -8.71 26.86 -0.04
CA THR A 46 -9.14 27.11 -1.40
C THR A 46 -9.36 25.88 -2.18
N GLU A 47 -8.82 24.74 -1.73
CA GLU A 47 -8.98 23.51 -2.57
C GLU A 47 -8.85 22.16 -1.95
N ARG A 48 -9.19 21.14 -2.74
CA ARG A 48 -9.13 19.79 -2.28
C ARG A 48 -7.93 19.17 -3.05
N LEU A 49 -6.99 18.56 -2.32
CA LEU A 49 -5.83 17.91 -2.94
C LEU A 49 -6.02 16.40 -2.81
N ILE A 50 -5.59 15.64 -3.80
CA ILE A 50 -5.66 14.15 -3.66
C ILE A 50 -4.39 13.59 -4.20
N GLY A 51 -3.76 12.65 -3.45
CA GLY A 51 -2.60 11.86 -4.00
C GLY A 51 -1.32 12.57 -3.53
N ASP A 52 -0.41 12.85 -4.49
CA ASP A 52 0.92 13.32 -4.15
C ASP A 52 0.79 14.68 -3.49
N ALA A 53 0.01 15.59 -4.07
CA ALA A 53 -0.12 16.98 -3.50
C ALA A 53 -0.57 16.96 -2.03
N ALA A 54 -1.49 16.03 -1.72
CA ALA A 54 -1.96 15.93 -0.31
C ALA A 54 -0.87 15.38 0.62
N LYS A 55 -0.22 14.31 0.21
CA LYS A 55 0.91 13.78 1.00
C LYS A 55 2.03 14.83 1.22
N ASN A 56 2.30 15.59 0.14
CA ASN A 56 3.40 16.59 0.17
C ASN A 56 3.16 17.74 1.12
N GLN A 57 1.91 18.04 1.50
CA GLN A 57 1.63 19.07 2.48
C GLN A 57 1.16 18.63 3.88
N VAL A 58 1.33 17.33 4.18
CA VAL A 58 0.77 16.78 5.43
C VAL A 58 1.32 17.49 6.66
N ALA A 59 2.60 17.88 6.62
CA ALA A 59 3.23 18.42 7.83
C ALA A 59 2.79 19.90 7.99
N MET A 60 2.50 20.55 6.88
CA MET A 60 2.06 21.96 6.86
C MET A 60 0.57 22.11 7.30
N ASN A 61 -0.23 21.03 7.22
CA ASN A 61 -1.71 21.13 7.33
C ASN A 61 -2.25 19.78 7.90
N PRO A 62 -1.63 19.32 9.01
CA PRO A 62 -1.84 17.89 9.47
C PRO A 62 -3.32 17.56 9.84
N THR A 63 -4.02 18.50 10.43
CA THR A 63 -5.40 18.27 10.90
C THR A 63 -6.42 18.18 9.76
N ASN A 64 -6.08 18.71 8.60
CA ASN A 64 -6.94 18.63 7.40
C ASN A 64 -6.41 17.77 6.32
N THR A 65 -5.50 16.83 6.64
CA THR A 65 -5.02 15.93 5.64
C THR A 65 -5.45 14.51 6.12
N VAL A 66 -6.07 13.75 5.23
CA VAL A 66 -6.71 12.46 5.68
C VAL A 66 -5.98 11.35 4.99
N PHE A 67 -5.67 10.30 5.73
CA PHE A 67 -5.08 9.10 5.09
C PHE A 67 -5.62 7.85 5.86
N ASP A 68 -5.19 6.65 5.47
CA ASP A 68 -5.62 5.44 6.16
C ASP A 68 -7.17 5.28 6.19
N ALA A 69 -7.91 5.93 5.28
CA ALA A 69 -9.36 5.72 5.23
C ALA A 69 -9.77 4.18 5.04
N LYS A 70 -8.84 3.37 4.50
CA LYS A 70 -9.04 1.94 4.31
C LYS A 70 -9.18 1.26 5.71
N ARG A 71 -8.54 1.84 6.75
CA ARG A 71 -8.66 1.38 8.19
C ARG A 71 -10.08 1.60 8.74
N LEU A 72 -10.80 2.58 8.15
CA LEU A 72 -12.18 2.89 8.58
C LEU A 72 -13.24 2.33 7.71
N ILE A 73 -12.93 1.95 6.48
CA ILE A 73 -13.98 1.66 5.55
C ILE A 73 -14.80 0.46 6.06
N GLY A 74 -16.13 0.60 5.96
CA GLY A 74 -17.04 -0.52 6.44
C GLY A 74 -17.05 -0.73 7.96
N ARG A 75 -16.45 0.18 8.77
CA ARG A 75 -16.37 0.04 10.23
C ARG A 75 -17.51 0.87 10.87
N ARG A 76 -17.74 0.62 12.19
CA ARG A 76 -18.64 1.39 12.96
C ARG A 76 -17.77 2.23 13.94
N PHE A 77 -18.27 3.38 14.34
CA PHE A 77 -17.50 4.22 15.21
C PHE A 77 -17.02 3.47 16.48
N ASP A 78 -17.89 2.65 17.09
CA ASP A 78 -17.53 2.02 18.36
C ASP A 78 -16.50 0.90 18.19
N ASP A 79 -16.13 0.55 16.97
CA ASP A 79 -15.26 -0.64 16.80
C ASP A 79 -13.94 -0.43 17.52
N ALA A 80 -13.47 -1.47 18.21
CA ALA A 80 -12.21 -1.39 18.93
C ALA A 80 -11.06 -0.94 17.99
N VAL A 81 -11.03 -1.46 16.77
CA VAL A 81 -9.92 -1.14 15.84
C VAL A 81 -9.95 0.39 15.55
N VAL A 82 -11.15 0.90 15.31
CA VAL A 82 -11.34 2.35 15.03
C VAL A 82 -10.86 3.19 16.19
N GLN A 83 -11.31 2.85 17.39
CA GLN A 83 -10.91 3.59 18.57
C GLN A 83 -9.41 3.56 18.84
N SER A 84 -8.79 2.40 18.57
CA SER A 84 -7.35 2.30 18.74
C SER A 84 -6.62 3.13 17.64
N ASP A 85 -7.00 2.88 16.39
CA ASP A 85 -6.34 3.62 15.25
C ASP A 85 -6.46 5.12 15.41
N MET A 86 -7.58 5.66 15.95
CA MET A 86 -7.81 7.14 16.07
C MET A 86 -6.74 7.81 16.84
N LYS A 87 -6.08 7.07 17.75
CA LYS A 87 -5.05 7.63 18.59
C LYS A 87 -3.78 7.94 17.82
N HIS A 88 -3.62 7.40 16.62
CA HIS A 88 -2.42 7.65 15.78
C HIS A 88 -2.64 8.59 14.62
N TRP A 89 -3.81 9.22 14.54
CA TRP A 89 -4.09 10.06 13.40
C TRP A 89 -4.16 11.52 13.85
N PRO A 90 -3.64 12.43 13.04
CA PRO A 90 -3.69 13.87 13.26
C PRO A 90 -5.03 14.53 12.85
N PHE A 91 -5.91 13.78 12.21
CA PHE A 91 -7.23 14.35 11.83
C PHE A 91 -8.31 13.84 12.81
N MET A 92 -9.44 14.53 12.88
CA MET A 92 -10.52 14.15 13.81
C MET A 92 -11.42 13.07 13.18
N VAL A 93 -11.82 12.09 13.97
CA VAL A 93 -12.84 11.16 13.56
C VAL A 93 -14.01 11.30 14.55
N VAL A 94 -15.19 11.54 14.02
CA VAL A 94 -16.36 11.82 14.81
C VAL A 94 -17.43 10.76 14.57
N ASN A 95 -18.37 10.70 15.50
CA ASN A 95 -19.42 9.67 15.47
C ASN A 95 -20.66 10.31 14.89
N ASP A 96 -21.08 9.83 13.70
CA ASP A 96 -22.36 10.23 13.13
C ASP A 96 -23.36 9.09 13.29
N ALA A 97 -24.07 9.10 14.41
CA ALA A 97 -25.20 8.12 14.65
C ALA A 97 -24.69 6.71 14.45
N GLY A 98 -23.49 6.43 14.95
CA GLY A 98 -22.88 5.10 14.88
C GLY A 98 -21.78 4.88 13.83
N ARG A 99 -21.76 5.68 12.78
CA ARG A 99 -20.74 5.57 11.71
C ARG A 99 -19.66 6.60 11.91
N PRO A 100 -18.41 6.17 11.64
CA PRO A 100 -17.37 7.16 11.74
C PRO A 100 -17.36 8.12 10.52
N LYS A 101 -17.06 9.38 10.77
CA LYS A 101 -16.73 10.31 9.71
C LYS A 101 -15.43 11.05 10.04
N VAL A 102 -14.63 11.36 9.03
CA VAL A 102 -13.49 12.25 9.31
C VAL A 102 -13.98 13.68 9.24
N GLN A 103 -13.51 14.54 10.14
CA GLN A 103 -14.05 15.93 10.17
C GLN A 103 -12.86 16.83 9.87
N VAL A 104 -13.02 17.72 8.92
CA VAL A 104 -11.90 18.63 8.51
C VAL A 104 -12.45 20.05 8.37
N GLU A 105 -11.52 20.99 8.19
CA GLU A 105 -11.89 22.28 7.62
C GLU A 105 -11.56 22.40 6.16
N TYR A 106 -12.49 22.96 5.39
CA TYR A 106 -12.37 23.03 3.97
C TYR A 106 -13.00 24.37 3.50
N LYS A 107 -12.17 25.26 2.97
CA LYS A 107 -12.68 26.53 2.46
C LYS A 107 -13.42 27.24 3.57
N GLY A 108 -12.86 27.20 4.76
CA GLY A 108 -13.36 27.91 5.93
C GLY A 108 -14.55 27.30 6.63
N GLU A 109 -15.05 26.12 6.18
CA GLU A 109 -16.22 25.51 6.86
C GLU A 109 -15.83 24.12 7.40
N THR A 110 -16.43 23.70 8.50
CA THR A 110 -16.34 22.31 8.98
C THR A 110 -17.09 21.38 8.09
N LYS A 111 -16.39 20.32 7.65
CA LYS A 111 -16.99 19.36 6.72
C LYS A 111 -16.67 17.94 7.22
N SER A 112 -17.54 16.95 6.99
CA SER A 112 -17.19 15.61 7.48
C SER A 112 -17.53 14.62 6.33
N PHE A 113 -16.84 13.49 6.28
CA PHE A 113 -16.92 12.59 5.13
C PHE A 113 -16.91 11.20 5.71
N TYR A 114 -17.82 10.36 5.21
CA TYR A 114 -17.69 8.92 5.50
C TYR A 114 -16.42 8.33 4.89
N PRO A 115 -15.93 7.20 5.45
CA PRO A 115 -14.71 6.58 4.92
C PRO A 115 -14.76 6.35 3.41
N GLU A 116 -15.91 5.88 2.92
CA GLU A 116 -16.02 5.50 1.50
C GLU A 116 -16.05 6.80 0.64
N GLU A 117 -16.46 7.94 1.21
CA GLU A 117 -16.38 9.20 0.48
C GLU A 117 -14.90 9.62 0.29
N VAL A 118 -14.10 9.44 1.36
CA VAL A 118 -12.63 9.70 1.24
C VAL A 118 -12.02 8.78 0.18
N SER A 119 -12.32 7.52 0.29
CA SER A 119 -11.82 6.59 -0.72
C SER A 119 -12.35 6.84 -2.12
N SER A 120 -13.60 7.31 -2.29
CA SER A 120 -14.08 7.63 -3.64
C SER A 120 -13.20 8.76 -4.23
N MET A 121 -12.66 9.68 -3.40
CA MET A 121 -11.82 10.74 -3.95
C MET A 121 -10.53 10.14 -4.52
N VAL A 122 -9.90 9.24 -3.73
CA VAL A 122 -8.77 8.48 -4.26
C VAL A 122 -9.15 7.73 -5.53
N LEU A 123 -10.33 7.07 -5.56
CA LEU A 123 -10.72 6.34 -6.77
C LEU A 123 -11.02 7.31 -7.95
N THR A 124 -11.56 8.48 -7.66
CA THR A 124 -11.72 9.49 -8.75
C THR A 124 -10.35 9.90 -9.39
N LYS A 125 -9.33 10.07 -8.54
CA LYS A 125 -7.97 10.39 -9.03
C LYS A 125 -7.47 9.23 -9.88
N MET A 126 -7.72 8.00 -9.42
CA MET A 126 -7.23 6.82 -10.23
C MET A 126 -7.91 6.80 -11.58
N LYS A 127 -9.20 7.08 -11.56
CA LYS A 127 -10.02 7.13 -12.76
C LYS A 127 -9.50 8.20 -13.71
N GLU A 128 -9.32 9.39 -13.18
CA GLU A 128 -8.83 10.49 -14.01
C GLU A 128 -7.41 10.24 -14.55
N ILE A 129 -6.49 9.67 -13.75
CA ILE A 129 -5.20 9.51 -14.33
C ILE A 129 -5.26 8.39 -15.39
N ALA A 130 -6.12 7.38 -15.21
CA ALA A 130 -6.31 6.43 -16.36
C ALA A 130 -6.92 7.07 -17.62
N GLU A 131 -7.89 7.97 -17.43
CA GLU A 131 -8.46 8.66 -18.57
C GLU A 131 -7.44 9.55 -19.29
N ALA A 132 -6.60 10.23 -18.52
CA ALA A 132 -5.54 11.08 -19.15
C ALA A 132 -4.56 10.25 -19.98
N TYR A 133 -4.26 9.03 -19.54
CA TYR A 133 -3.28 8.19 -20.20
C TYR A 133 -3.93 7.58 -21.44
N LEU A 134 -5.16 7.11 -21.30
CA LEU A 134 -5.88 6.45 -22.42
C LEU A 134 -6.46 7.42 -23.40
N GLY A 135 -6.71 8.68 -22.99
CA GLY A 135 -7.42 9.62 -23.87
C GLY A 135 -8.90 9.35 -24.14
N LYS A 136 -9.52 8.53 -23.27
CA LYS A 136 -10.91 8.27 -23.34
C LYS A 136 -11.49 8.02 -21.99
N THR A 137 -12.80 8.06 -21.88
CA THR A 137 -13.52 7.83 -20.62
C THR A 137 -13.28 6.40 -20.06
N VAL A 138 -13.11 6.28 -18.72
CA VAL A 138 -13.01 5.00 -18.10
C VAL A 138 -14.19 4.90 -17.14
N THR A 139 -14.96 3.84 -17.23
CA THR A 139 -16.07 3.61 -16.32
C THR A 139 -15.95 2.25 -15.61
N ASN A 140 -15.55 1.23 -16.34
CA ASN A 140 -15.51 -0.08 -15.74
C ASN A 140 -14.17 -0.38 -15.01
N ALA A 141 -14.28 -0.95 -13.81
CA ALA A 141 -13.09 -1.32 -13.06
C ALA A 141 -13.25 -2.61 -12.24
N VAL A 142 -12.15 -3.33 -12.05
CA VAL A 142 -12.06 -4.34 -10.94
C VAL A 142 -11.34 -3.58 -9.82
N VAL A 143 -11.87 -3.68 -8.62
CA VAL A 143 -11.18 -3.07 -7.45
C VAL A 143 -10.76 -4.16 -6.46
N THR A 144 -9.54 -4.12 -5.87
CA THR A 144 -9.10 -5.16 -4.97
C THR A 144 -9.34 -4.76 -3.48
N VAL A 145 -9.36 -5.76 -2.60
CA VAL A 145 -9.46 -5.54 -1.15
C VAL A 145 -8.65 -6.66 -0.42
N PRO A 146 -8.33 -6.50 0.86
CA PRO A 146 -7.65 -7.57 1.63
C PRO A 146 -8.57 -8.83 1.71
N ALA A 147 -7.97 -10.02 1.66
CA ALA A 147 -8.73 -11.26 1.82
C ALA A 147 -9.54 -11.35 3.07
N TYR A 148 -9.08 -10.70 4.13
CA TYR A 148 -9.75 -10.70 5.44
C TYR A 148 -10.92 -9.65 5.50
N PHE A 149 -11.15 -8.85 4.44
CA PHE A 149 -12.32 -7.93 4.46
C PHE A 149 -13.67 -8.70 4.60
N ASN A 150 -14.53 -8.17 5.45
CA ASN A 150 -15.86 -8.73 5.61
C ASN A 150 -16.85 -8.12 4.58
N ASP A 151 -18.11 -8.55 4.67
CA ASP A 151 -19.12 -8.03 3.77
C ASP A 151 -19.23 -6.47 3.87
N SER A 152 -19.26 -5.93 5.10
CA SER A 152 -19.41 -4.48 5.30
C SER A 152 -18.28 -3.71 4.59
N GLN A 153 -17.07 -4.21 4.77
CA GLN A 153 -15.88 -3.57 4.21
C GLN A 153 -15.86 -3.71 2.69
N ARG A 154 -16.24 -4.87 2.14
CA ARG A 154 -16.36 -4.98 0.69
C ARG A 154 -17.42 -4.07 0.12
N GLN A 155 -18.65 -4.11 0.70
CA GLN A 155 -19.71 -3.26 0.16
C GLN A 155 -19.35 -1.76 0.28
N ALA A 156 -18.67 -1.33 1.34
CA ALA A 156 -18.28 0.11 1.49
C ALA A 156 -17.24 0.49 0.37
N THR A 157 -16.41 -0.47 -0.03
CA THR A 157 -15.40 -0.19 -1.03
C THR A 157 -16.18 -0.09 -2.39
N LYS A 158 -17.14 -1.00 -2.66
CA LYS A 158 -17.99 -0.85 -3.87
C LYS A 158 -18.67 0.50 -3.90
N ASP A 159 -19.17 0.92 -2.74
CA ASP A 159 -19.79 2.26 -2.61
C ASP A 159 -18.81 3.41 -2.96
N ALA A 160 -17.54 3.30 -2.54
CA ALA A 160 -16.50 4.30 -2.91
C ALA A 160 -16.38 4.33 -4.46
N GLY A 161 -16.43 3.16 -5.09
CA GLY A 161 -16.41 3.02 -6.55
C GLY A 161 -17.58 3.72 -7.22
N THR A 162 -18.79 3.40 -6.75
CA THR A 162 -20.04 3.97 -7.26
C THR A 162 -19.97 5.48 -7.15
N ILE A 163 -19.57 5.99 -5.99
CA ILE A 163 -19.52 7.46 -5.74
C ILE A 163 -18.55 8.13 -6.72
N ALA A 164 -17.49 7.41 -7.02
CA ALA A 164 -16.51 7.86 -8.03
C ALA A 164 -16.92 7.75 -9.49
N GLY A 165 -18.11 7.17 -9.76
CA GLY A 165 -18.61 7.09 -11.11
C GLY A 165 -18.07 5.85 -11.83
N LEU A 166 -17.56 4.90 -11.07
CA LEU A 166 -17.13 3.61 -11.63
C LEU A 166 -18.21 2.57 -11.51
N ASN A 167 -18.28 1.73 -12.53
CA ASN A 167 -19.00 0.45 -12.49
C ASN A 167 -17.98 -0.62 -12.00
N VAL A 168 -18.11 -1.03 -10.74
CA VAL A 168 -17.20 -2.02 -10.17
C VAL A 168 -17.68 -3.37 -10.70
N LEU A 169 -16.93 -3.92 -11.66
CA LEU A 169 -17.21 -5.21 -12.29
C LEU A 169 -17.16 -6.35 -11.29
N ARG A 170 -16.18 -6.27 -10.40
CA ARG A 170 -16.03 -7.27 -9.32
C ARG A 170 -15.08 -6.65 -8.29
N ILE A 171 -15.24 -7.07 -7.03
CA ILE A 171 -14.27 -6.86 -5.95
C ILE A 171 -13.51 -8.16 -5.82
N ILE A 172 -12.19 -8.12 -5.97
CA ILE A 172 -11.42 -9.36 -5.85
C ILE A 172 -10.34 -9.17 -4.75
N ASN A 173 -9.91 -10.27 -4.14
CA ASN A 173 -8.93 -10.19 -3.03
C ASN A 173 -7.51 -9.85 -3.58
N GLU A 174 -6.74 -9.04 -2.82
CA GLU A 174 -5.34 -8.63 -3.19
C GLU A 174 -4.45 -9.89 -3.47
N PRO A 175 -4.49 -10.89 -2.57
CA PRO A 175 -3.57 -12.03 -2.88
C PRO A 175 -3.99 -12.80 -4.09
N THR A 176 -5.30 -12.91 -4.37
CA THR A 176 -5.75 -13.57 -5.62
C THR A 176 -5.32 -12.74 -6.80
N ALA A 177 -5.46 -11.41 -6.72
CA ALA A 177 -5.05 -10.55 -7.84
C ALA A 177 -3.50 -10.81 -8.12
N ALA A 178 -2.69 -10.91 -7.06
CA ALA A 178 -1.21 -11.08 -7.25
C ALA A 178 -0.99 -12.42 -7.97
N ALA A 179 -1.72 -13.46 -7.55
CA ALA A 179 -1.64 -14.79 -8.25
C ALA A 179 -2.09 -14.75 -9.68
N ILE A 180 -3.15 -13.98 -10.02
CA ILE A 180 -3.62 -13.90 -11.40
C ILE A 180 -2.53 -13.20 -12.23
N ALA A 181 -1.88 -12.21 -11.59
CA ALA A 181 -0.79 -11.43 -12.29
C ALA A 181 0.25 -12.38 -12.84
N TYR A 182 0.57 -13.40 -12.03
CA TYR A 182 1.61 -14.40 -12.39
C TYR A 182 1.08 -15.57 -13.16
N GLY A 183 -0.18 -15.44 -13.60
CA GLY A 183 -0.83 -16.48 -14.38
C GLY A 183 -0.94 -17.81 -13.65
N LEU A 184 -0.92 -17.80 -12.31
CA LEU A 184 -0.90 -19.05 -11.49
C LEU A 184 -2.22 -19.84 -11.56
N ASP A 185 -3.27 -19.18 -12.02
CA ASP A 185 -4.55 -19.87 -12.14
C ASP A 185 -4.77 -20.38 -13.53
N LYS A 186 -3.77 -20.28 -14.42
CA LYS A 186 -3.88 -20.65 -15.87
C LYS A 186 -3.32 -22.05 -16.02
N LYS A 187 -3.86 -22.93 -15.16
CA LYS A 187 -3.19 -24.11 -14.61
C LYS A 187 -4.25 -25.20 -14.32
N VAL A 188 -4.03 -26.43 -14.83
CA VAL A 188 -4.97 -27.55 -14.61
C VAL A 188 -4.13 -28.71 -14.09
N GLY A 189 -4.69 -29.50 -13.17
CA GLY A 189 -3.90 -30.58 -12.58
C GLY A 189 -4.15 -30.49 -11.10
N ALA A 190 -3.19 -30.92 -10.29
CA ALA A 190 -3.44 -31.02 -8.85
C ALA A 190 -3.46 -29.63 -8.20
N GLU A 191 -4.45 -29.41 -7.34
CA GLU A 191 -4.41 -28.36 -6.34
C GLU A 191 -2.97 -27.84 -6.09
N ARG A 192 -2.74 -26.53 -6.16
CA ARG A 192 -1.42 -25.93 -5.84
C ARG A 192 -1.54 -24.95 -4.70
N ASN A 193 -0.67 -25.05 -3.69
CA ASN A 193 -0.64 -24.05 -2.63
C ASN A 193 0.29 -22.93 -2.95
N VAL A 194 -0.22 -21.71 -2.80
CA VAL A 194 0.50 -20.52 -3.21
C VAL A 194 0.55 -19.65 -1.99
N LEU A 195 1.75 -19.16 -1.67
CA LEU A 195 1.86 -18.26 -0.58
C LEU A 195 2.17 -16.82 -1.16
N ILE A 196 1.36 -15.90 -0.72
CA ILE A 196 1.58 -14.49 -1.04
C ILE A 196 2.14 -13.83 0.19
N PHE A 197 3.32 -13.23 0.01
CA PHE A 197 4.00 -12.57 1.03
C PHE A 197 3.91 -11.07 0.67
N ASP A 198 3.12 -10.29 1.42
CA ASP A 198 2.76 -8.92 0.99
C ASP A 198 3.09 -7.92 2.09
N LEU A 199 4.23 -7.21 1.96
CA LEU A 199 4.66 -6.34 2.99
C LEU A 199 4.48 -4.98 2.31
N GLY A 200 3.37 -4.31 2.63
CA GLY A 200 3.01 -2.99 2.00
C GLY A 200 3.57 -1.86 2.87
N GLY A 201 3.16 -0.64 2.62
CA GLY A 201 3.69 0.48 3.39
C GLY A 201 3.20 0.48 4.84
N GLY A 202 1.97 -0.03 5.11
CA GLY A 202 1.42 0.06 6.46
C GLY A 202 0.90 -1.27 7.04
N THR A 203 0.87 -2.33 6.23
CA THR A 203 0.30 -3.62 6.64
C THR A 203 1.14 -4.73 6.06
N PHE A 204 1.18 -5.85 6.78
CA PHE A 204 1.87 -7.06 6.39
C PHE A 204 0.88 -8.24 6.32
N ASP A 205 0.67 -8.77 5.12
CA ASP A 205 -0.29 -9.90 4.90
C ASP A 205 0.42 -11.11 4.31
N VAL A 206 0.23 -12.23 5.00
CA VAL A 206 0.64 -13.49 4.42
C VAL A 206 -0.60 -14.30 4.14
N SER A 207 -0.74 -14.79 2.91
CA SER A 207 -1.96 -15.54 2.54
C SER A 207 -1.52 -16.79 1.92
N ILE A 208 -2.20 -17.89 2.29
CA ILE A 208 -2.01 -19.15 1.52
C ILE A 208 -3.33 -19.42 0.81
N LEU A 209 -3.22 -19.55 -0.49
CA LEU A 209 -4.32 -19.83 -1.32
C LEU A 209 -4.13 -21.21 -1.89
N THR A 210 -5.26 -21.88 -2.11
CA THR A 210 -5.23 -23.06 -2.95
C THR A 210 -5.85 -22.72 -4.23
N ILE A 211 -5.25 -23.21 -5.33
CA ILE A 211 -5.77 -22.92 -6.63
C ILE A 211 -5.90 -24.26 -7.34
N GLU A 212 -7.10 -24.52 -7.85
CA GLU A 212 -7.37 -25.83 -8.49
C GLU A 212 -8.28 -25.58 -9.67
N ASP A 213 -7.78 -25.93 -10.85
CA ASP A 213 -8.50 -25.67 -12.09
C ASP A 213 -9.07 -24.24 -12.16
N GLY A 214 -8.29 -23.26 -11.70
CA GLY A 214 -8.65 -21.86 -11.91
C GLY A 214 -9.52 -21.35 -10.77
N ILE A 215 -9.89 -22.22 -9.86
CA ILE A 215 -10.66 -21.82 -8.68
C ILE A 215 -9.80 -21.60 -7.41
N PHE A 216 -9.96 -20.40 -6.84
CA PHE A 216 -9.24 -20.01 -5.63
C PHE A 216 -9.96 -20.27 -4.36
N GLU A 217 -9.22 -20.68 -3.34
CA GLU A 217 -9.76 -20.70 -2.00
C GLU A 217 -8.69 -20.08 -1.13
N VAL A 218 -9.06 -19.18 -0.23
CA VAL A 218 -8.15 -18.73 0.78
C VAL A 218 -8.08 -19.77 1.91
N LYS A 219 -6.92 -20.39 2.05
CA LYS A 219 -6.71 -21.38 3.08
C LYS A 219 -6.36 -20.84 4.43
N SER A 220 -5.44 -19.86 4.51
CA SER A 220 -5.21 -19.20 5.81
C SER A 220 -4.67 -17.79 5.54
N THR A 221 -4.75 -16.92 6.56
CA THR A 221 -4.15 -15.59 6.47
C THR A 221 -3.47 -15.31 7.77
N ALA A 222 -2.40 -14.49 7.75
CA ALA A 222 -1.71 -14.15 8.93
C ALA A 222 -1.04 -12.80 8.61
N GLY A 223 -0.53 -12.12 9.62
CA GLY A 223 0.25 -10.89 9.37
C GLY A 223 0.10 -9.91 10.52
N ASP A 224 0.32 -8.62 10.28
CA ASP A 224 0.18 -7.65 11.33
C ASP A 224 -0.31 -6.44 10.53
N THR A 225 -1.55 -6.01 10.83
CA THR A 225 -2.16 -4.84 10.12
C THR A 225 -1.49 -3.50 10.54
N HIS A 226 -0.49 -3.54 11.46
CA HIS A 226 0.28 -2.36 11.85
C HIS A 226 1.78 -2.50 11.64
N LEU A 227 2.19 -3.40 10.76
CA LEU A 227 3.63 -3.41 10.36
C LEU A 227 3.71 -3.19 8.88
N GLY A 228 4.63 -2.30 8.47
CA GLY A 228 4.83 -2.22 7.04
C GLY A 228 6.14 -1.44 6.76
N GLY A 229 6.38 -1.07 5.50
CA GLY A 229 7.58 -0.32 5.09
C GLY A 229 7.82 0.93 5.89
N GLU A 230 6.74 1.61 6.35
CA GLU A 230 6.88 2.80 7.17
C GLU A 230 7.58 2.56 8.44
N ASP A 231 7.45 1.33 8.99
CA ASP A 231 8.17 1.05 10.23
C ASP A 231 9.67 1.03 9.98
N PHE A 232 10.07 0.55 8.79
CA PHE A 232 11.51 0.47 8.47
C PHE A 232 12.01 1.86 8.21
N ASP A 233 11.21 2.67 7.53
CA ASP A 233 11.54 4.11 7.42
C ASP A 233 11.74 4.81 8.75
N ASN A 234 10.85 4.55 9.67
CA ASN A 234 10.89 5.15 10.95
C ASN A 234 12.15 4.76 11.75
N ARG A 235 12.61 3.53 11.62
CA ARG A 235 13.93 3.13 12.22
C ARG A 235 15.07 4.03 11.72
N MET A 236 15.04 4.31 10.42
CA MET A 236 16.03 5.22 9.80
CA MET A 236 16.05 5.21 9.83
C MET A 236 15.87 6.65 10.29
N VAL A 237 14.59 7.12 10.38
CA VAL A 237 14.35 8.50 10.89
C VAL A 237 15.00 8.65 12.26
N ASN A 238 14.76 7.70 13.17
CA ASN A 238 15.31 7.88 14.53
C ASN A 238 16.85 7.88 14.53
N HIS A 239 17.42 6.98 13.75
CA HIS A 239 18.86 6.94 13.52
C HIS A 239 19.43 8.31 13.05
N PHE A 240 18.80 8.94 12.06
CA PHE A 240 19.27 10.24 11.57
C PHE A 240 18.93 11.38 12.50
N ILE A 241 17.84 11.29 13.26
CA ILE A 241 17.62 12.34 14.30
C ILE A 241 18.82 12.32 15.30
N ALA A 242 19.23 11.12 15.69
CA ALA A 242 20.38 10.95 16.59
C ALA A 242 21.65 11.56 15.95
N GLU A 243 21.85 11.35 14.65
CA GLU A 243 23.05 11.84 13.98
C GLU A 243 23.03 13.35 13.88
N PHE A 244 21.85 13.92 13.58
CA PHE A 244 21.80 15.37 13.46
C PHE A 244 22.09 16.04 14.85
N LYS A 245 21.56 15.42 15.89
CA LYS A 245 21.83 15.87 17.27
C LYS A 245 23.36 15.87 17.61
N ARG A 246 24.06 14.80 17.24
CA ARG A 246 25.52 14.78 17.45
C ARG A 246 26.22 15.85 16.66
N LYS A 247 25.79 16.06 15.42
CA LYS A 247 26.60 16.87 14.53
C LYS A 247 26.26 18.34 14.79
N HIS A 248 25.06 18.61 15.31
CA HIS A 248 24.66 20.04 15.42
C HIS A 248 24.09 20.40 16.77
N LYS A 249 24.10 19.47 17.71
CA LYS A 249 23.52 19.62 19.06
C LYS A 249 22.15 20.28 19.01
N LYS A 250 21.29 19.80 18.11
CA LYS A 250 19.91 20.24 18.11
C LYS A 250 19.08 18.98 17.93
N ASP A 251 18.00 18.85 18.69
CA ASP A 251 17.03 17.79 18.50
C ASP A 251 15.87 18.29 17.58
N ILE A 252 15.70 17.66 16.42
CA ILE A 252 14.66 18.21 15.51
C ILE A 252 13.27 17.60 15.83
N SER A 253 13.26 16.71 16.82
CA SER A 253 12.16 15.76 17.04
C SER A 253 10.77 16.33 17.06
N GLU A 254 10.63 17.55 17.54
CA GLU A 254 9.34 18.18 17.69
C GLU A 254 9.04 19.20 16.63
N ASN A 255 9.91 19.36 15.62
CA ASN A 255 9.52 20.17 14.45
C ASN A 255 8.96 19.18 13.44
N LYS A 256 7.65 19.22 13.25
CA LYS A 256 7.02 18.18 12.45
C LYS A 256 7.38 18.38 10.96
N ARG A 257 7.56 19.62 10.50
CA ARG A 257 7.97 19.84 9.12
C ARG A 257 9.37 19.26 8.84
N ALA A 258 10.30 19.49 9.77
CA ALA A 258 11.69 18.88 9.65
C ALA A 258 11.58 17.38 9.70
N VAL A 259 10.85 16.82 10.66
CA VAL A 259 10.76 15.33 10.69
C VAL A 259 10.14 14.71 9.43
N ARG A 260 9.09 15.33 8.88
CA ARG A 260 8.48 14.86 7.64
C ARG A 260 9.47 14.93 6.43
N ARG A 261 10.27 15.98 6.33
CA ARG A 261 11.28 16.10 5.23
C ARG A 261 12.30 14.99 5.40
N LEU A 262 12.68 14.75 6.65
CA LEU A 262 13.61 13.62 6.92
C LEU A 262 12.97 12.26 6.58
N ARG A 263 11.69 12.08 6.98
CA ARG A 263 11.01 10.84 6.70
C ARG A 263 10.95 10.59 5.23
N THR A 264 10.60 11.65 4.47
CA THR A 264 10.57 11.52 2.94
C THR A 264 11.92 11.13 2.34
N ALA A 265 12.98 11.69 2.89
CA ALA A 265 14.35 11.31 2.46
C ALA A 265 14.64 9.85 2.86
N CYS A 266 14.13 9.42 4.06
CA CYS A 266 14.31 8.00 4.39
C CYS A 266 13.55 7.07 3.52
N GLU A 267 12.32 7.45 3.11
CA GLU A 267 11.54 6.56 2.26
C GLU A 267 12.29 6.42 0.93
N ARG A 268 12.83 7.53 0.43
CA ARG A 268 13.59 7.43 -0.84
C ARG A 268 14.85 6.57 -0.69
N ALA A 269 15.55 6.77 0.44
CA ALA A 269 16.76 5.96 0.69
C ALA A 269 16.45 4.47 0.79
N LYS A 270 15.35 4.09 1.47
CA LYS A 270 15.01 2.63 1.56
C LYS A 270 14.83 2.09 0.17
N ARG A 271 14.17 2.85 -0.73
CA ARG A 271 13.98 2.29 -2.14
C ARG A 271 15.34 2.20 -2.83
N THR A 272 16.13 3.24 -2.67
CA THR A 272 17.51 3.24 -3.27
C THR A 272 18.31 2.04 -2.75
N LEU A 273 18.24 1.74 -1.45
CA LEU A 273 19.00 0.58 -0.92
C LEU A 273 18.54 -0.80 -1.39
N SER A 274 17.39 -0.91 -2.08
CA SER A 274 16.99 -2.18 -2.65
C SER A 274 17.78 -2.52 -3.90
N SER A 275 18.37 -1.50 -4.51
CA SER A 275 19.17 -1.64 -5.74
C SER A 275 20.65 -1.36 -5.57
N SER A 276 20.98 -0.54 -4.57
CA SER A 276 22.38 -0.11 -4.40
C SER A 276 22.81 -0.34 -2.92
N THR A 277 24.14 -0.32 -2.65
CA THR A 277 24.63 -0.58 -1.30
C THR A 277 24.74 0.70 -0.51
N GLN A 278 24.59 1.85 -1.14
CA GLN A 278 24.63 3.15 -0.41
C GLN A 278 23.51 4.06 -0.94
N ALA A 279 23.01 4.95 -0.06
CA ALA A 279 21.98 5.93 -0.48
C ALA A 279 22.27 7.19 0.30
N SER A 280 22.00 8.34 -0.35
CA SER A 280 22.18 9.64 0.38
C SER A 280 20.91 10.21 0.99
N ILE A 281 21.13 11.08 2.00
CA ILE A 281 20.07 11.87 2.60
C ILE A 281 20.49 13.32 2.32
N GLU A 282 19.67 14.09 1.59
CA GLU A 282 20.13 15.38 1.10
C GLU A 282 19.02 16.36 1.37
N ILE A 283 19.20 17.20 2.36
CA ILE A 283 18.11 18.06 2.75
C ILE A 283 18.69 19.49 2.99
N ASP A 284 18.29 20.42 2.12
CA ASP A 284 18.74 21.80 2.32
C ASP A 284 17.88 22.38 3.52
N SER A 285 18.56 23.06 4.46
CA SER A 285 17.85 23.80 5.56
C SER A 285 16.87 22.90 6.27
N LEU A 286 17.39 21.79 6.82
CA LEU A 286 16.52 20.84 7.57
C LEU A 286 15.94 21.57 8.81
N TYR A 287 16.77 22.32 9.47
CA TYR A 287 16.33 22.85 10.75
C TYR A 287 17.08 24.09 11.14
N GLU A 288 16.32 25.16 11.41
CA GLU A 288 16.88 26.50 11.64
C GLU A 288 17.94 26.79 10.59
N GLY A 289 17.66 26.54 9.31
CA GLY A 289 18.67 26.90 8.28
C GLY A 289 19.86 25.93 8.14
N ILE A 290 19.93 24.89 8.95
CA ILE A 290 21.12 24.01 8.94
C ILE A 290 20.88 22.90 7.91
N ASP A 291 21.77 22.75 6.92
CA ASP A 291 21.65 21.62 5.97
C ASP A 291 21.92 20.27 6.56
N PHE A 292 21.39 19.20 5.92
CA PHE A 292 21.73 17.88 6.41
C PHE A 292 21.99 17.04 5.14
N TYR A 293 23.30 16.80 4.87
CA TYR A 293 23.73 15.94 3.77
C TYR A 293 24.49 14.79 4.36
N THR A 294 23.97 13.59 4.21
CA THR A 294 24.63 12.46 4.76
C THR A 294 24.28 11.25 3.93
N SER A 295 24.58 10.09 4.42
CA SER A 295 24.36 8.85 3.64
C SER A 295 24.27 7.66 4.57
N ILE A 296 23.89 6.47 4.03
CA ILE A 296 23.81 5.24 4.87
C ILE A 296 24.09 4.06 3.98
N THR A 297 24.67 2.98 4.56
CA THR A 297 24.83 1.78 3.79
C THR A 297 23.59 0.87 3.90
N ARG A 298 23.52 -0.04 2.93
CA ARG A 298 22.51 -1.12 2.98
C ARG A 298 22.69 -1.91 4.29
N ALA A 299 23.95 -2.14 4.67
CA ALA A 299 24.16 -2.95 5.90
C ALA A 299 23.61 -2.29 7.14
N ARG A 300 23.83 -0.98 7.25
CA ARG A 300 23.36 -0.26 8.45
C ARG A 300 21.83 -0.21 8.47
N PHE A 301 21.24 -0.05 7.31
CA PHE A 301 19.74 -0.06 7.21
C PHE A 301 19.18 -1.43 7.65
N GLU A 302 19.83 -2.52 7.21
CA GLU A 302 19.52 -3.87 7.63
C GLU A 302 19.70 -4.06 9.15
N GLU A 303 20.83 -3.59 9.66
CA GLU A 303 21.00 -3.61 11.15
C GLU A 303 19.89 -2.88 11.91
N LEU A 304 19.51 -1.69 11.45
CA LEU A 304 18.52 -0.92 12.18
C LEU A 304 17.16 -1.65 12.22
N ASN A 305 16.95 -2.58 11.31
CA ASN A 305 15.64 -3.19 11.15
C ASN A 305 15.67 -4.69 11.35
N ALA A 306 16.81 -5.17 11.88
CA ALA A 306 17.10 -6.61 11.83
C ALA A 306 15.98 -7.40 12.56
N ASP A 307 15.55 -6.94 13.74
CA ASP A 307 14.48 -7.63 14.48
C ASP A 307 13.18 -7.68 13.70
N LEU A 308 12.81 -6.59 13.04
CA LEU A 308 11.53 -6.53 12.32
C LEU A 308 11.59 -7.42 11.12
N PHE A 309 12.75 -7.44 10.44
CA PHE A 309 12.88 -8.27 9.26
C PHE A 309 12.75 -9.75 9.63
N ARG A 310 13.47 -10.18 10.68
CA ARG A 310 13.37 -11.58 11.16
C ARG A 310 11.92 -11.95 11.51
N GLY A 311 11.24 -10.99 12.14
CA GLY A 311 9.89 -11.13 12.67
C GLY A 311 8.89 -11.35 11.56
N THR A 312 9.21 -11.03 10.30
CA THR A 312 8.28 -11.32 9.21
C THR A 312 8.09 -12.82 8.94
N LEU A 313 9.02 -13.65 9.42
CA LEU A 313 8.84 -15.08 9.21
C LEU A 313 7.83 -15.70 10.21
N ASP A 314 7.55 -15.04 11.30
CA ASP A 314 6.51 -15.54 12.27
C ASP A 314 5.13 -15.65 11.68
N PRO A 315 4.65 -14.61 10.96
CA PRO A 315 3.36 -14.83 10.25
C PRO A 315 3.39 -15.90 9.18
N VAL A 316 4.54 -16.11 8.51
CA VAL A 316 4.64 -17.18 7.50
C VAL A 316 4.44 -18.52 8.25
N GLU A 317 5.11 -18.69 9.40
CA GLU A 317 5.01 -20.00 10.14
C GLU A 317 3.56 -20.20 10.55
N LYS A 318 3.00 -19.14 11.11
CA LYS A 318 1.59 -19.13 11.55
C LYS A 318 0.57 -19.44 10.40
N ALA A 319 0.70 -18.82 9.22
CA ALA A 319 -0.14 -19.20 8.02
C ALA A 319 -0.02 -20.67 7.67
N LEU A 320 1.22 -21.15 7.71
CA LEU A 320 1.51 -22.55 7.44
C LEU A 320 0.82 -23.41 8.53
N ARG A 321 1.01 -23.13 9.83
CA ARG A 321 0.34 -23.98 10.86
C ARG A 321 -1.16 -23.97 10.55
N ASP A 322 -1.73 -22.74 10.52
CA ASP A 322 -3.14 -22.57 10.24
C ASP A 322 -3.62 -23.32 9.04
N ALA A 323 -2.84 -23.40 7.98
CA ALA A 323 -3.29 -24.12 6.81
C ALA A 323 -2.99 -25.63 6.85
N LYS A 324 -2.40 -26.13 7.93
CA LYS A 324 -1.99 -27.55 8.03
C LYS A 324 -1.14 -27.90 6.81
N LEU A 325 -0.05 -27.16 6.61
CA LEU A 325 0.78 -27.40 5.45
C LEU A 325 2.23 -27.37 5.86
N ASP A 326 3.07 -28.10 5.13
CA ASP A 326 4.51 -28.02 5.33
C ASP A 326 5.11 -27.01 4.32
N LYS A 327 6.18 -26.32 4.74
CA LYS A 327 6.99 -25.46 3.84
C LYS A 327 6.99 -26.05 2.49
N SER A 328 7.33 -27.35 2.43
CA SER A 328 7.57 -28.05 1.17
C SER A 328 6.36 -28.20 0.30
N GLN A 329 5.16 -27.98 0.88
CA GLN A 329 3.93 -28.06 0.13
C GLN A 329 3.50 -26.74 -0.55
N ILE A 330 4.31 -25.67 -0.40
CA ILE A 330 4.01 -24.41 -1.09
C ILE A 330 4.63 -24.48 -2.45
N HIS A 331 3.83 -24.52 -3.50
CA HIS A 331 4.33 -24.54 -4.87
C HIS A 331 4.91 -23.24 -5.46
N ASP A 332 4.34 -22.10 -5.07
CA ASP A 332 4.76 -20.80 -5.59
C ASP A 332 4.69 -19.78 -4.46
N ILE A 333 5.70 -18.92 -4.47
CA ILE A 333 5.77 -17.84 -3.48
C ILE A 333 5.73 -16.55 -4.29
N VAL A 334 4.82 -15.62 -3.92
CA VAL A 334 4.66 -14.39 -4.70
C VAL A 334 4.96 -13.21 -3.79
N LEU A 335 5.85 -12.32 -4.27
CA LEU A 335 6.18 -11.09 -3.51
C LEU A 335 5.23 -9.91 -3.88
N VAL A 336 4.73 -9.21 -2.86
CA VAL A 336 3.85 -8.02 -3.10
C VAL A 336 4.32 -6.94 -2.17
N GLY A 337 4.28 -5.68 -2.60
CA GLY A 337 4.67 -4.57 -1.73
C GLY A 337 6.14 -4.18 -1.97
N GLY A 338 6.43 -2.87 -2.12
CA GLY A 338 7.83 -2.36 -2.31
C GLY A 338 8.88 -2.91 -1.38
N SER A 339 8.50 -3.14 -0.09
CA SER A 339 9.44 -3.67 0.86
C SER A 339 9.92 -5.10 0.59
N THR A 340 9.19 -5.87 -0.24
CA THR A 340 9.69 -7.20 -0.57
C THR A 340 10.85 -7.18 -1.62
N ARG A 341 11.19 -5.97 -2.11
CA ARG A 341 12.41 -5.81 -2.91
C ARG A 341 13.66 -5.78 -2.06
N ILE A 342 13.54 -5.48 -0.77
CA ILE A 342 14.72 -5.49 0.16
C ILE A 342 15.49 -6.82 0.14
N PRO A 343 16.79 -6.78 -0.27
CA PRO A 343 17.50 -8.03 -0.41
C PRO A 343 17.48 -8.92 0.82
N LYS A 344 17.63 -8.30 2.01
CA LYS A 344 17.75 -9.05 3.25
C LYS A 344 16.44 -9.80 3.51
N ILE A 345 15.30 -9.18 3.17
CA ILE A 345 13.95 -9.87 3.34
C ILE A 345 13.85 -11.06 2.39
N GLN A 346 14.24 -10.86 1.14
CA GLN A 346 14.24 -11.95 0.16
C GLN A 346 15.14 -13.09 0.61
N LYS A 347 16.32 -12.76 1.17
CA LYS A 347 17.23 -13.81 1.67
C LYS A 347 16.58 -14.58 2.81
N LEU A 348 16.04 -13.86 3.80
CA LEU A 348 15.41 -14.49 4.98
C LEU A 348 14.28 -15.40 4.51
N LEU A 349 13.43 -14.93 3.60
CA LEU A 349 12.30 -15.75 3.13
C LEU A 349 12.75 -16.99 2.28
N GLN A 350 13.63 -16.77 1.30
CA GLN A 350 14.20 -17.87 0.53
C GLN A 350 14.95 -18.92 1.39
N ASP A 351 15.79 -18.52 2.34
CA ASP A 351 16.43 -19.44 3.35
C ASP A 351 15.39 -20.17 4.20
N PHE A 352 14.40 -19.44 4.69
CA PHE A 352 13.25 -20.12 5.30
C PHE A 352 12.62 -21.23 4.41
N PHE A 353 12.49 -21.00 3.11
CA PHE A 353 11.95 -21.97 2.18
C PHE A 353 13.03 -22.86 1.48
N ASN A 354 14.15 -23.00 2.20
CA ASN A 354 15.33 -23.76 1.74
C ASN A 354 15.68 -23.57 0.25
N GLY A 355 15.77 -22.31 -0.20
CA GLY A 355 16.32 -22.03 -1.52
C GLY A 355 15.29 -21.90 -2.59
N LYS A 356 14.01 -22.05 -2.23
CA LYS A 356 12.97 -21.99 -3.26
C LYS A 356 12.93 -20.60 -3.93
N GLU A 357 12.83 -20.55 -5.25
CA GLU A 357 12.82 -19.24 -5.93
C GLU A 357 11.52 -18.50 -5.67
N LEU A 358 11.62 -17.17 -5.64
CA LEU A 358 10.52 -16.25 -5.30
C LEU A 358 9.94 -15.67 -6.57
N ASN A 359 8.61 -15.61 -6.72
CA ASN A 359 8.06 -14.93 -7.91
C ASN A 359 8.13 -13.44 -7.64
N LYS A 360 8.95 -12.75 -8.40
CA LYS A 360 9.20 -11.33 -8.12
C LYS A 360 9.45 -10.52 -9.38
N SER A 361 9.22 -11.08 -10.57
CA SER A 361 9.56 -10.35 -11.77
C SER A 361 8.57 -9.22 -12.11
N ILE A 362 7.36 -9.26 -11.58
CA ILE A 362 6.46 -8.10 -11.76
C ILE A 362 6.76 -7.16 -10.56
N ASN A 363 6.97 -5.85 -10.82
CA ASN A 363 7.25 -4.92 -9.72
CA ASN A 363 7.24 -4.91 -9.75
C ASN A 363 6.26 -5.17 -8.58
N PRO A 364 6.77 -5.45 -7.38
CA PRO A 364 5.86 -5.94 -6.33
C PRO A 364 4.90 -4.85 -5.90
N ASP A 365 5.24 -3.57 -6.08
CA ASP A 365 4.27 -2.54 -5.67
CA ASP A 365 4.33 -2.45 -5.72
C ASP A 365 3.16 -2.38 -6.72
N GLU A 366 3.30 -3.05 -7.88
CA GLU A 366 2.35 -3.01 -9.00
C GLU A 366 1.56 -4.29 -9.22
N ALA A 367 1.96 -5.34 -8.53
CA ALA A 367 1.49 -6.69 -8.92
C ALA A 367 -0.05 -6.85 -8.68
N VAL A 368 -0.59 -6.21 -7.63
CA VAL A 368 -2.07 -6.30 -7.31
C VAL A 368 -2.81 -5.57 -8.42
N ALA A 369 -2.40 -4.34 -8.77
CA ALA A 369 -3.07 -3.63 -9.87
C ALA A 369 -2.92 -4.43 -11.13
N TYR A 370 -1.79 -5.07 -11.33
CA TYR A 370 -1.55 -5.78 -12.57
C TYR A 370 -2.60 -6.93 -12.71
N GLY A 371 -2.70 -7.74 -11.65
CA GLY A 371 -3.74 -8.83 -11.63
C GLY A 371 -5.15 -8.33 -11.74
N ALA A 372 -5.46 -7.17 -11.09
CA ALA A 372 -6.79 -6.62 -11.28
C ALA A 372 -7.05 -6.21 -12.74
N ALA A 373 -6.05 -5.66 -13.44
CA ALA A 373 -6.22 -5.19 -14.80
C ALA A 373 -6.43 -6.40 -15.73
N VAL A 374 -5.73 -7.48 -15.43
CA VAL A 374 -5.96 -8.73 -16.24
C VAL A 374 -7.41 -9.24 -16.07
N GLN A 375 -7.86 -9.37 -14.82
CA GLN A 375 -9.22 -9.78 -14.50
C GLN A 375 -10.24 -8.82 -15.11
N ALA A 376 -9.97 -7.51 -15.03
CA ALA A 376 -10.89 -6.55 -15.62
C ALA A 376 -11.07 -6.77 -17.11
N ALA A 377 -9.99 -7.09 -17.81
CA ALA A 377 -10.04 -7.26 -19.29
C ALA A 377 -10.81 -8.57 -19.59
N ILE A 378 -10.59 -9.57 -18.78
CA ILE A 378 -11.30 -10.87 -18.93
C ILE A 378 -12.79 -10.62 -18.78
N LEU A 379 -13.17 -9.92 -17.70
CA LEU A 379 -14.56 -9.66 -17.46
C LEU A 379 -15.21 -8.79 -18.53
N SER A 380 -14.46 -7.87 -19.11
CA SER A 380 -14.88 -7.10 -20.26
C SER A 380 -14.86 -7.79 -21.61
N GLY A 381 -14.25 -8.94 -21.71
CA GLY A 381 -14.05 -9.55 -23.01
C GLY A 381 -12.87 -9.04 -23.82
N ASP A 382 -12.00 -8.24 -23.22
CA ASP A 382 -10.86 -7.74 -23.97
C ASP A 382 -9.63 -8.62 -23.84
N LYS A 383 -9.79 -9.74 -23.14
CA LYS A 383 -8.72 -10.75 -22.98
C LYS A 383 -9.38 -12.10 -22.72
S SO4 B . -2.92 -3.01 1.76
O1 SO4 B . -3.96 -4.18 1.94
O2 SO4 B . -1.75 -3.68 1.02
O3 SO4 B . -3.63 -1.99 0.89
O4 SO4 B . -2.68 -2.55 3.17
MG MG C . -1.09 -3.56 -0.83
CL CL D . -0.09 0.23 0.66
S SO4 E . 27.12 3.42 7.74
O1 SO4 E . 26.04 3.94 6.96
O2 SO4 E . 27.19 1.96 7.49
O3 SO4 E . 28.43 3.91 7.30
O4 SO4 E . 26.86 3.72 9.15
S SO4 F . 4.43 -0.40 -18.29
O1 SO4 F . 5.31 -1.53 -18.72
O2 SO4 F . 3.47 -0.05 -19.38
O3 SO4 F . 3.75 -0.75 -16.97
O4 SO4 F . 5.35 0.74 -17.98
C1 GOL G . -5.64 -1.88 6.49
O1 GOL G . -6.09 -0.67 5.85
C2 GOL G . -6.70 -2.25 7.57
O2 GOL G . -6.21 -3.45 8.21
C3 GOL G . -7.94 -2.62 6.72
O3 GOL G . -8.92 -3.27 7.56
C1 GOL H . -20.56 -12.38 6.49
O1 GOL H . -20.46 -12.38 5.06
C2 GOL H . -19.94 -11.13 7.01
O2 GOL H . -18.79 -10.93 6.22
C3 GOL H . -19.35 -11.31 8.34
O3 GOL H . -19.44 -9.90 8.60
C1 GOL I . 7.44 6.24 -9.26
O1 GOL I . 7.00 5.83 -10.57
C2 GOL I . 7.32 5.00 -8.39
O2 GOL I . 7.45 3.88 -9.25
C3 GOL I . 5.94 4.74 -7.85
O3 GOL I . 5.33 5.98 -7.54
C ACT J . -3.47 -7.38 13.74
O ACT J . -4.50 -7.87 13.27
OXT ACT J . -2.46 -7.45 13.05
CH3 ACT J . -3.47 -6.74 15.09
C1 GOL K . 11.20 17.49 1.28
O1 GOL K . 10.80 16.45 0.46
C2 GOL K . 11.30 18.66 0.41
O2 GOL K . 10.83 19.80 1.15
C3 GOL K . 12.72 18.83 -0.04
O3 GOL K . 12.58 20.05 -0.77
#